data_9CBQ
#
_entry.id   9CBQ
#
_cell.length_a   95.164
_cell.length_b   95.164
_cell.length_c   274.337
_cell.angle_alpha   90.00
_cell.angle_beta   90.00
_cell.angle_gamma   120.00
#
_symmetry.space_group_name_H-M   'P 61 2 2'
#
loop_
_entity.id
_entity.type
_entity.pdbx_description
1 polymer 'Methionine synthase'
2 non-polymer COBALAMIN
3 non-polymer 'SULFATE ION'
4 non-polymer '2-[N-CYCLOHEXYLAMINO]ETHANE SULFONIC ACID'
5 non-polymer 'CHLORIDE ION'
6 non-polymer 'ZINC ION'
7 non-polymer 'butanoic acid'
8 water water
#
_entity_poly.entity_id   1
_entity_poly.type   'polypeptide(L)'
_entity_poly.pdbx_seq_one_letter_code
;QEASLFLVGERLNATGSKRFREMLFARDLEGILALAREQVEEGAHALDLSVAWTGRDELEDLRWLLPHLATALTVPVMVD
STSPEAMELALKYLPGRVLLNSANLEDGLERFDRVASLAKAHGAALVVLAIDEKGMAKTREEKVRVALRMYERLTEHHGL
RPEDLLFDLLTFPITQGDEESRPLAKETLLAMEELRERLPGVGFVLGVSNVSFGLKPRARRVLNSVFLDEARKRGLTAAI
VDAGKILPISQIPEEAYALALDLIYDRRKEGFDPLLAFMAYFEAHKEDPGKREDAFLALPLLERLKRRVVEGRKQGLEAD
LEEALKAGHKPLDLINGPLLAGMKEVGDLFGAGKMQLPFVLQAAEVMKRAVAYLEPHMEKKGEGKGTLVLATVKGDVHGI
GKNLVDIILSNNGYRVVNLGIKVPIEEILKAVEAHKPHAVGMSGLLVKSTLVMKENLEYMRDRGYTLPVILGGAALTRSY
VEELRAIYPNVYYAEDAFEGLRLMEELTGHA
;
_entity_poly.pdbx_strand_id   A
#
loop_
_chem_comp.id
_chem_comp.type
_chem_comp.name
_chem_comp.formula
B12 non-polymer COBALAMIN 'C62 H89 Co N13 O14 P 2'
BUA non-polymer 'butanoic acid' 'C4 H8 O2'
CL non-polymer 'CHLORIDE ION' 'Cl -1'
NHE non-polymer '2-[N-CYCLOHEXYLAMINO]ETHANE SULFONIC ACID' 'C8 H17 N O3 S'
SO4 non-polymer 'SULFATE ION' 'O4 S -2'
ZN non-polymer 'ZINC ION' 'Zn 2'
#
# COMPACT_ATOMS: atom_id res chain seq x y z
N SER A 4 19.23 12.27 -17.72
CA SER A 4 18.53 11.26 -16.86
C SER A 4 18.80 11.47 -15.36
N LEU A 5 17.98 10.76 -14.57
CA LEU A 5 17.97 10.75 -13.12
C LEU A 5 18.73 9.54 -12.59
N PHE A 6 19.09 9.58 -11.29
CA PHE A 6 19.76 8.46 -10.64
C PHE A 6 18.75 7.35 -10.34
N LEU A 7 18.58 6.42 -11.29
CA LEU A 7 17.63 5.32 -11.14
C LEU A 7 18.16 4.27 -10.17
N VAL A 8 17.26 3.70 -9.36
CA VAL A 8 17.61 2.70 -8.37
C VAL A 8 16.74 1.48 -8.64
N GLY A 9 17.35 0.31 -8.79
CA GLY A 9 16.61 -0.86 -9.20
C GLY A 9 15.88 -1.52 -8.04
N GLU A 10 14.58 -1.81 -8.26
CA GLU A 10 13.65 -2.34 -7.26
C GLU A 10 13.43 -3.87 -7.25
N ARG A 11 14.17 -4.67 -8.01
CA ARG A 11 13.82 -6.09 -8.11
C ARG A 11 14.59 -6.96 -7.12
N LEU A 12 15.66 -6.47 -6.52
CA LEU A 12 16.31 -7.27 -5.48
C LEU A 12 15.60 -7.06 -4.13
N ASN A 13 14.34 -7.51 -4.05
CA ASN A 13 13.41 -7.27 -2.96
C ASN A 13 12.66 -8.56 -2.62
N ALA A 14 12.82 -9.08 -1.41
CA ALA A 14 12.27 -10.39 -1.05
C ALA A 14 10.74 -10.36 -0.98
N THR A 15 10.19 -9.29 -0.36
CA THR A 15 8.73 -9.11 -0.25
C THR A 15 8.21 -8.69 -1.61
N GLY A 16 8.99 -7.86 -2.32
CA GLY A 16 8.56 -7.16 -3.53
C GLY A 16 8.59 -8.09 -4.75
N SER A 17 9.78 -8.66 -5.05
CA SER A 17 10.03 -9.42 -6.27
C SER A 17 9.92 -10.92 -6.03
N LYS A 18 9.03 -11.59 -6.78
CA LYS A 18 8.82 -13.02 -6.62
C LYS A 18 10.08 -13.80 -7.07
N ARG A 19 10.71 -13.41 -8.19
CA ARG A 19 11.92 -14.07 -8.64
C ARG A 19 12.99 -14.02 -7.54
N PHE A 20 13.35 -12.81 -7.05
CA PHE A 20 14.43 -12.62 -6.09
C PHE A 20 14.14 -13.39 -4.80
N ARG A 21 12.86 -13.40 -4.40
CA ARG A 21 12.38 -14.14 -3.24
C ARG A 21 12.87 -15.60 -3.31
N GLU A 22 12.48 -16.30 -4.39
CA GLU A 22 12.79 -17.72 -4.64
C GLU A 22 14.32 -17.93 -4.62
N MET A 23 15.03 -17.10 -5.41
CA MET A 23 16.46 -17.25 -5.61
C MET A 23 17.24 -17.07 -4.30
N LEU A 24 16.81 -16.09 -3.48
CA LEU A 24 17.37 -15.89 -2.15
C LEU A 24 17.15 -17.14 -1.32
N PHE A 25 15.90 -17.67 -1.32
CA PHE A 25 15.55 -18.82 -0.49
C PHE A 25 16.36 -20.03 -0.96
N ALA A 26 16.59 -20.18 -2.27
CA ALA A 26 17.42 -21.25 -2.78
C ALA A 26 18.93 -20.95 -2.77
N ARG A 27 19.38 -19.83 -2.19
CA ARG A 27 20.81 -19.46 -2.13
C ARG A 27 21.49 -19.46 -3.50
N ASP A 28 20.83 -18.88 -4.53
CA ASP A 28 21.31 -18.88 -5.92
C ASP A 28 22.02 -17.55 -6.25
N LEU A 29 23.30 -17.46 -5.83
CA LEU A 29 24.15 -16.29 -6.02
C LEU A 29 24.20 -15.84 -7.50
N GLU A 30 24.38 -16.79 -8.44
CA GLU A 30 24.55 -16.46 -9.85
C GLU A 30 23.24 -15.94 -10.45
N GLY A 31 22.10 -16.44 -9.97
CA GLY A 31 20.80 -15.95 -10.40
C GLY A 31 20.56 -14.52 -9.92
N ILE A 32 20.86 -14.29 -8.64
CA ILE A 32 20.76 -12.97 -8.05
C ILE A 32 21.61 -12.00 -8.90
N LEU A 33 22.89 -12.35 -9.11
CA LEU A 33 23.84 -11.50 -9.83
C LEU A 33 23.39 -11.22 -11.28
N ALA A 34 22.72 -12.20 -11.90
CA ALA A 34 22.09 -11.99 -13.20
C ALA A 34 20.97 -10.93 -13.15
N LEU A 35 20.07 -11.01 -12.13
CA LEU A 35 18.96 -10.06 -11.99
C LEU A 35 19.50 -8.65 -11.74
N ALA A 36 20.60 -8.57 -10.96
CA ALA A 36 21.33 -7.33 -10.71
C ALA A 36 21.86 -6.70 -12.01
N ARG A 37 22.70 -7.45 -12.77
CA ARG A 37 23.27 -6.98 -14.03
C ARG A 37 22.18 -6.65 -15.06
N GLU A 38 21.08 -7.43 -15.06
CA GLU A 38 19.91 -7.14 -15.88
C GLU A 38 19.39 -5.72 -15.62
N GLN A 39 19.17 -5.39 -14.34
CA GLN A 39 18.64 -4.08 -13.97
C GLN A 39 19.61 -2.98 -14.39
N VAL A 40 20.92 -3.20 -14.18
CA VAL A 40 21.94 -2.22 -14.53
C VAL A 40 21.85 -1.94 -16.02
N GLU A 41 21.71 -3.03 -16.80
CA GLU A 41 21.60 -2.98 -18.25
C GLU A 41 20.36 -2.17 -18.64
N GLU A 42 19.27 -2.29 -17.87
CA GLU A 42 18.04 -1.60 -18.21
C GLU A 42 18.11 -0.12 -17.78
N GLY A 43 19.22 0.33 -17.18
CA GLY A 43 19.40 1.74 -16.91
C GLY A 43 19.62 2.10 -15.42
N ALA A 44 19.67 1.11 -14.53
CA ALA A 44 19.82 1.39 -13.11
C ALA A 44 21.23 1.88 -12.77
N HIS A 45 21.35 2.95 -11.97
CA HIS A 45 22.63 3.50 -11.48
C HIS A 45 22.99 2.97 -10.08
N ALA A 46 22.04 2.37 -9.37
CA ALA A 46 22.28 1.72 -8.09
C ALA A 46 21.18 0.69 -7.86
N LEU A 47 21.26 -0.09 -6.77
CA LEU A 47 20.32 -1.19 -6.59
C LEU A 47 19.75 -1.21 -5.17
N ASP A 48 18.43 -1.45 -5.05
CA ASP A 48 17.77 -1.54 -3.75
C ASP A 48 17.74 -2.99 -3.25
N LEU A 49 18.58 -3.30 -2.27
CA LEU A 49 18.59 -4.61 -1.63
C LEU A 49 17.66 -4.63 -0.41
N SER A 50 16.64 -5.49 -0.41
CA SER A 50 15.81 -5.83 0.75
C SER A 50 15.64 -7.35 0.80
N VAL A 51 16.18 -7.99 1.85
CA VAL A 51 16.10 -9.45 2.00
C VAL A 51 15.25 -9.80 3.20
N ALA A 52 14.41 -8.85 3.60
CA ALA A 52 13.52 -9.04 4.72
C ALA A 52 12.33 -9.88 4.26
N TRP A 53 11.99 -10.88 5.12
CA TRP A 53 10.84 -11.75 4.86
C TRP A 53 10.48 -12.48 6.14
N THR A 54 9.17 -12.72 6.32
CA THR A 54 8.54 -13.36 7.47
C THR A 54 9.20 -14.71 7.81
N GLY A 55 9.68 -14.88 9.04
CA GLY A 55 10.22 -16.16 9.45
C GLY A 55 11.65 -16.43 8.95
N ARG A 56 12.41 -15.37 8.64
CA ARG A 56 13.81 -15.54 8.24
C ARG A 56 14.69 -14.56 9.02
N ASP A 57 15.92 -14.95 9.38
CA ASP A 57 16.88 -13.99 9.93
C ASP A 57 17.50 -13.19 8.79
N GLU A 58 17.11 -11.92 8.67
CA GLU A 58 17.65 -10.98 7.72
C GLU A 58 19.18 -10.97 7.80
N LEU A 59 19.74 -10.95 9.02
CA LEU A 59 21.17 -10.81 9.22
C LEU A 59 21.92 -12.01 8.64
N GLU A 60 21.34 -13.22 8.69
CA GLU A 60 22.02 -14.39 8.15
C GLU A 60 22.08 -14.30 6.62
N ASP A 61 20.94 -13.99 5.99
CA ASP A 61 20.85 -13.81 4.54
C ASP A 61 21.87 -12.76 4.08
N LEU A 62 21.91 -11.62 4.78
CA LEU A 62 22.87 -10.57 4.50
C LEU A 62 24.33 -11.02 4.66
N ARG A 63 24.65 -11.78 5.71
CA ARG A 63 26.01 -12.25 5.95
C ARG A 63 26.52 -13.09 4.79
N TRP A 64 25.62 -13.85 4.15
CA TRP A 64 25.98 -14.66 2.98
C TRP A 64 26.11 -13.84 1.69
N LEU A 65 25.10 -13.01 1.34
CA LEU A 65 24.98 -12.35 0.06
C LEU A 65 25.89 -11.11 -0.08
N LEU A 66 26.10 -10.37 1.00
CA LEU A 66 26.79 -9.08 0.90
C LEU A 66 28.23 -9.21 0.41
N PRO A 67 29.10 -10.13 0.92
CA PRO A 67 30.49 -10.22 0.48
C PRO A 67 30.67 -10.45 -1.02
N HIS A 68 29.76 -11.26 -1.62
CA HIS A 68 29.80 -11.63 -3.03
C HIS A 68 29.42 -10.44 -3.92
N LEU A 69 28.38 -9.69 -3.50
CA LEU A 69 27.93 -8.47 -4.18
C LEU A 69 29.00 -7.37 -4.19
N ALA A 70 29.81 -7.30 -3.12
CA ALA A 70 30.79 -6.25 -2.95
C ALA A 70 31.88 -6.36 -4.01
N THR A 71 32.38 -7.57 -4.26
CA THR A 71 33.42 -7.78 -5.26
C THR A 71 32.82 -7.74 -6.67
N ALA A 72 31.50 -7.98 -6.83
CA ALA A 72 30.93 -8.33 -8.12
C ALA A 72 29.98 -7.29 -8.73
N LEU A 73 29.79 -6.10 -8.14
CA LEU A 73 28.80 -5.15 -8.66
C LEU A 73 29.44 -3.83 -9.08
N THR A 74 28.97 -3.30 -10.23
CA THR A 74 29.49 -2.06 -10.81
C THR A 74 28.92 -0.85 -10.07
N VAL A 75 27.63 -0.92 -9.68
CA VAL A 75 26.90 0.23 -9.13
C VAL A 75 26.86 0.15 -7.60
N PRO A 76 26.56 1.26 -6.88
CA PRO A 76 26.38 1.22 -5.43
C PRO A 76 25.12 0.50 -4.99
N VAL A 77 25.10 0.00 -3.73
CA VAL A 77 23.90 -0.62 -3.17
C VAL A 77 23.16 0.33 -2.20
N MET A 78 21.82 0.30 -2.27
CA MET A 78 20.93 0.96 -1.33
C MET A 78 20.37 -0.12 -0.39
N VAL A 79 20.76 -0.05 0.89
CA VAL A 79 20.37 -1.01 1.91
C VAL A 79 18.97 -0.64 2.39
N ASP A 80 17.96 -1.45 2.06
CA ASP A 80 16.58 -1.22 2.43
C ASP A 80 16.22 -2.16 3.60
N SER A 81 16.41 -1.65 4.81
CA SER A 81 16.13 -2.36 6.05
C SER A 81 15.52 -1.40 7.06
N THR A 82 14.47 -1.88 7.74
CA THR A 82 13.95 -1.19 8.93
C THR A 82 14.95 -1.32 10.07
N SER A 83 15.62 -2.48 10.21
CA SER A 83 16.64 -2.73 11.23
C SER A 83 17.96 -2.01 10.94
N PRO A 84 18.38 -1.09 11.82
CA PRO A 84 19.70 -0.50 11.73
C PRO A 84 20.85 -1.46 12.02
N GLU A 85 20.60 -2.56 12.73
CA GLU A 85 21.65 -3.53 12.93
C GLU A 85 22.13 -4.07 11.57
N ALA A 86 21.16 -4.51 10.75
CA ALA A 86 21.39 -4.86 9.34
C ALA A 86 22.21 -3.80 8.64
N MET A 87 21.81 -2.55 8.80
CA MET A 87 22.50 -1.45 8.16
C MET A 87 23.96 -1.38 8.60
N GLU A 88 24.22 -1.65 9.88
CA GLU A 88 25.54 -1.55 10.48
C GLU A 88 26.42 -2.64 9.87
N LEU A 89 25.85 -3.85 9.83
CA LEU A 89 26.52 -5.01 9.25
C LEU A 89 26.92 -4.71 7.82
N ALA A 90 25.94 -4.25 7.00
CA ALA A 90 26.11 -4.09 5.56
C ALA A 90 27.23 -3.10 5.27
N LEU A 91 27.28 -2.00 6.00
CA LEU A 91 28.33 -1.02 5.76
C LEU A 91 29.72 -1.63 5.99
N LYS A 92 29.82 -2.71 6.79
CA LYS A 92 31.10 -3.37 7.02
C LYS A 92 31.41 -4.37 5.88
N TYR A 93 30.38 -5.00 5.30
CA TYR A 93 30.57 -6.03 4.27
C TYR A 93 30.43 -5.46 2.84
N LEU A 94 30.28 -4.14 2.71
CA LEU A 94 30.17 -3.53 1.41
C LEU A 94 30.93 -2.21 1.41
N PRO A 95 32.24 -2.15 1.03
CA PRO A 95 32.91 -0.86 0.87
C PRO A 95 32.46 -0.14 -0.40
N GLY A 96 33.02 1.05 -0.62
CA GLY A 96 32.52 1.93 -1.67
C GLY A 96 31.29 2.73 -1.25
N ARG A 97 30.65 3.38 -2.22
CA ARG A 97 29.46 4.22 -2.08
C ARG A 97 28.29 3.37 -1.61
N VAL A 98 27.50 3.91 -0.64
CA VAL A 98 26.37 3.20 -0.06
C VAL A 98 25.24 4.21 0.06
N LEU A 99 23.99 3.71 0.15
CA LEU A 99 22.82 4.54 0.46
C LEU A 99 21.94 3.81 1.46
N LEU A 100 21.58 4.46 2.59
CA LEU A 100 20.74 3.78 3.55
C LEU A 100 19.31 4.20 3.28
N ASN A 101 18.39 3.21 3.22
CA ASN A 101 17.00 3.47 2.86
C ASN A 101 16.12 3.29 4.10
N SER A 102 15.76 4.51 4.56
CA SER A 102 14.90 4.93 5.65
C SER A 102 15.85 5.54 6.68
N ALA A 103 15.43 5.81 7.86
CA ALA A 103 15.72 7.04 8.61
C ALA A 103 14.45 7.86 8.53
N ASN A 104 13.67 7.59 9.57
CA ASN A 104 12.45 8.31 9.83
C ASN A 104 12.40 8.59 11.31
N LEU A 105 11.39 9.39 11.71
CA LEU A 105 11.09 9.71 13.11
C LEU A 105 9.78 9.07 13.58
N GLU A 106 9.43 7.92 13.00
CA GLU A 106 8.22 7.22 13.37
C GLU A 106 8.27 6.88 14.86
N ASP A 107 9.43 6.39 15.33
CA ASP A 107 9.64 6.00 16.71
C ASP A 107 10.79 6.83 17.30
N GLY A 108 10.56 8.16 17.21
CA GLY A 108 11.44 9.10 17.88
C GLY A 108 12.89 9.13 17.41
N LEU A 109 13.69 9.84 18.19
CA LEU A 109 15.05 10.17 17.84
C LEU A 109 16.05 9.02 17.99
N GLU A 110 15.66 7.90 18.62
CA GLU A 110 16.64 6.84 18.84
C GLU A 110 17.13 6.30 17.48
N ARG A 111 16.19 5.82 16.65
CA ARG A 111 16.52 5.09 15.46
C ARG A 111 16.92 6.07 14.36
N PHE A 112 16.38 7.28 14.41
CA PHE A 112 16.76 8.30 13.45
C PHE A 112 18.22 8.67 13.65
N ASP A 113 18.61 8.99 14.89
CA ASP A 113 19.97 9.43 15.15
C ASP A 113 20.96 8.27 14.95
N ARG A 114 20.52 7.04 15.24
CA ARG A 114 21.34 5.85 15.04
C ARG A 114 21.76 5.73 13.57
N VAL A 115 20.76 5.80 12.67
CA VAL A 115 20.96 5.59 11.24
C VAL A 115 21.74 6.78 10.67
N ALA A 116 21.47 7.99 11.11
CA ALA A 116 22.17 9.14 10.57
C ALA A 116 23.64 9.13 11.01
N SER A 117 23.96 8.74 12.23
CA SER A 117 25.36 8.76 12.65
C SER A 117 26.12 7.64 11.93
N LEU A 118 25.43 6.52 11.59
CA LEU A 118 25.96 5.43 10.75
C LEU A 118 26.35 5.97 9.38
N ALA A 119 25.39 6.63 8.73
CA ALA A 119 25.60 7.26 7.45
C ALA A 119 26.77 8.23 7.45
N LYS A 120 26.90 9.02 8.52
CA LYS A 120 27.93 10.03 8.64
C LYS A 120 29.28 9.35 8.75
N ALA A 121 29.32 8.33 9.62
CA ALA A 121 30.53 7.54 9.86
C ALA A 121 31.07 6.87 8.58
N HIS A 122 30.19 6.19 7.84
CA HIS A 122 30.58 5.36 6.72
C HIS A 122 30.32 6.08 5.37
N GLY A 123 30.30 7.42 5.37
CA GLY A 123 30.20 8.23 4.16
C GLY A 123 29.05 7.86 3.21
N ALA A 124 28.02 7.23 3.76
CA ALA A 124 26.87 6.81 3.00
C ALA A 124 25.90 7.98 2.80
N ALA A 125 25.13 7.87 1.73
CA ALA A 125 24.01 8.74 1.50
C ALA A 125 22.87 8.27 2.39
N LEU A 126 21.93 9.18 2.64
CA LEU A 126 20.77 8.84 3.44
C LEU A 126 19.47 9.20 2.73
N VAL A 127 18.57 8.21 2.66
CA VAL A 127 17.17 8.48 2.40
C VAL A 127 16.50 8.83 3.73
N VAL A 128 15.70 9.90 3.70
CA VAL A 128 14.96 10.45 4.83
C VAL A 128 13.47 10.42 4.51
N LEU A 129 12.71 9.50 5.13
CA LEU A 129 11.27 9.45 4.87
C LEU A 129 10.53 10.45 5.76
N ALA A 130 9.51 11.11 5.20
CA ALA A 130 8.74 12.09 5.94
C ALA A 130 7.65 11.40 6.76
N ILE A 131 8.13 10.58 7.72
CA ILE A 131 7.29 9.99 8.76
C ILE A 131 7.86 10.41 10.08
N ASP A 132 6.98 10.93 10.96
CA ASP A 132 7.44 11.38 12.27
C ASP A 132 6.56 10.83 13.38
N GLU A 133 6.74 11.45 14.55
CA GLU A 133 6.13 10.95 15.76
C GLU A 133 4.64 11.06 15.67
N LYS A 134 4.09 12.02 14.89
CA LYS A 134 2.63 12.01 14.73
C LYS A 134 2.13 11.30 13.46
N GLY A 135 3.00 10.58 12.74
CA GLY A 135 2.54 9.82 11.59
C GLY A 135 3.13 10.29 10.24
N MET A 136 2.33 10.02 9.21
CA MET A 136 2.82 10.19 7.85
C MET A 136 2.54 11.59 7.36
N ALA A 137 3.50 12.22 6.68
CA ALA A 137 3.26 13.55 6.12
C ALA A 137 2.44 13.46 4.84
N LYS A 138 1.15 13.71 4.89
CA LYS A 138 0.20 13.40 3.82
C LYS A 138 -0.12 14.67 3.03
N THR A 139 0.05 15.84 3.62
CA THR A 139 -0.20 17.10 2.96
C THR A 139 1.10 17.86 2.72
N ARG A 140 0.98 18.90 1.88
CA ARG A 140 2.07 19.78 1.54
C ARG A 140 2.66 20.40 2.81
N GLU A 141 1.78 20.87 3.72
CA GLU A 141 2.18 21.53 4.97
C GLU A 141 2.92 20.53 5.86
N GLU A 142 2.39 19.30 5.94
CA GLU A 142 2.96 18.30 6.83
C GLU A 142 4.37 17.98 6.31
N LYS A 143 4.55 17.87 4.97
CA LYS A 143 5.76 17.35 4.36
C LYS A 143 6.86 18.35 4.63
N VAL A 144 6.54 19.62 4.39
CA VAL A 144 7.48 20.70 4.64
C VAL A 144 7.91 20.81 6.11
N ARG A 145 6.91 20.78 7.06
CA ARG A 145 7.17 20.79 8.51
C ARG A 145 8.16 19.70 8.94
N VAL A 146 7.85 18.44 8.61
CA VAL A 146 8.70 17.31 8.94
C VAL A 146 10.08 17.47 8.29
N ALA A 147 10.10 17.81 6.97
CA ALA A 147 11.35 17.84 6.22
C ALA A 147 12.29 18.86 6.84
N LEU A 148 11.77 20.07 7.08
CA LEU A 148 12.60 21.13 7.63
C LEU A 148 13.18 20.72 8.98
N ARG A 149 12.41 20.01 9.80
CA ARG A 149 12.95 19.53 11.06
C ARG A 149 14.10 18.54 10.83
N MET A 150 13.92 17.57 9.91
CA MET A 150 14.93 16.56 9.70
C MET A 150 16.20 17.19 9.10
N TYR A 151 16.02 18.22 8.25
CA TYR A 151 17.16 18.81 7.61
C TYR A 151 18.07 19.45 8.63
N GLU A 152 17.44 20.24 9.52
CA GLU A 152 18.14 20.99 10.56
C GLU A 152 18.90 20.03 11.45
N ARG A 153 18.26 18.87 11.69
CA ARG A 153 18.82 17.87 12.57
C ARG A 153 19.98 17.12 11.94
N LEU A 154 19.90 16.74 10.65
CA LEU A 154 20.97 15.95 10.04
C LEU A 154 22.19 16.82 9.76
N THR A 155 21.91 18.06 9.29
CA THR A 155 22.96 18.98 8.87
C THR A 155 23.71 19.50 10.07
N GLU A 156 23.01 19.76 11.19
CA GLU A 156 23.65 20.40 12.33
C GLU A 156 24.05 19.40 13.40
N HIS A 157 23.13 18.58 13.86
CA HIS A 157 23.48 17.63 14.90
C HIS A 157 24.46 16.61 14.34
N HIS A 158 24.09 15.92 13.26
CA HIS A 158 24.96 14.87 12.68
C HIS A 158 26.02 15.38 11.71
N GLY A 159 25.95 16.65 11.27
CA GLY A 159 26.98 17.21 10.42
C GLY A 159 26.99 16.67 8.96
N LEU A 160 25.94 15.97 8.51
CA LEU A 160 25.85 15.46 7.16
C LEU A 160 25.66 16.59 6.14
N ARG A 161 26.27 16.41 4.96
CA ARG A 161 26.18 17.43 3.93
C ARG A 161 24.86 17.30 3.19
N PRO A 162 24.27 18.43 2.76
CA PRO A 162 22.96 18.38 2.10
C PRO A 162 22.92 17.42 0.92
N GLU A 163 24.05 17.42 0.18
CA GLU A 163 24.29 16.62 -1.01
C GLU A 163 24.15 15.12 -0.66
N ASP A 164 24.42 14.73 0.59
CA ASP A 164 24.34 13.33 0.99
C ASP A 164 22.92 12.91 1.42
N LEU A 165 21.93 13.79 1.29
CA LEU A 165 20.61 13.48 1.80
C LEU A 165 19.60 13.43 0.66
N LEU A 166 18.79 12.39 0.68
CA LEU A 166 17.68 12.26 -0.26
C LEU A 166 16.36 12.24 0.51
N PHE A 167 15.53 13.26 0.30
CA PHE A 167 14.25 13.33 0.92
C PHE A 167 13.21 12.51 0.16
N ASP A 168 12.62 11.51 0.86
CA ASP A 168 11.41 10.81 0.40
C ASP A 168 10.16 11.41 1.03
N LEU A 169 9.55 12.32 0.30
CA LEU A 169 8.29 12.92 0.68
C LEU A 169 7.07 12.02 0.32
N LEU A 170 7.26 10.71 0.10
CA LEU A 170 6.19 9.71 0.30
C LEU A 170 5.29 9.62 -0.93
N THR A 171 5.21 8.41 -1.47
CA THR A 171 4.36 8.23 -2.65
C THR A 171 3.22 7.29 -2.28
N PHE A 172 2.00 7.84 -2.26
CA PHE A 172 0.81 7.06 -1.89
C PHE A 172 0.14 6.65 -3.19
N PRO A 173 -0.46 5.44 -3.29
CA PRO A 173 -1.28 5.06 -4.40
C PRO A 173 -2.50 5.95 -4.50
N ILE A 174 -2.79 6.45 -5.72
CA ILE A 174 -3.99 7.19 -6.02
C ILE A 174 -4.98 6.38 -6.90
N THR A 175 -4.84 5.04 -6.85
CA THR A 175 -5.51 4.13 -7.75
C THR A 175 -6.40 3.13 -7.01
N GLN A 176 -6.97 3.56 -5.86
CA GLN A 176 -8.16 2.97 -5.27
C GLN A 176 -9.11 4.15 -5.08
N GLY A 177 -10.44 3.89 -5.16
CA GLY A 177 -11.49 4.93 -5.25
C GLY A 177 -11.41 6.10 -4.24
N ASP A 178 -10.96 5.79 -3.02
CA ASP A 178 -11.10 6.62 -1.83
C ASP A 178 -10.77 8.10 -2.04
N GLU A 179 -11.67 8.98 -1.66
CA GLU A 179 -11.51 10.42 -1.71
C GLU A 179 -10.42 10.96 -0.79
N GLU A 180 -9.89 10.12 0.12
CA GLU A 180 -8.78 10.51 0.99
C GLU A 180 -7.51 10.57 0.14
N SER A 181 -7.37 9.61 -0.79
CA SER A 181 -6.15 9.41 -1.57
C SER A 181 -6.05 10.30 -2.83
N ARG A 182 -7.09 11.07 -3.17
CA ARG A 182 -7.18 11.70 -4.47
C ARG A 182 -6.04 12.68 -4.73
N PRO A 183 -5.68 13.51 -3.72
CA PRO A 183 -4.69 14.55 -3.91
C PRO A 183 -3.31 14.27 -3.33
N LEU A 184 -3.04 13.01 -2.98
CA LEU A 184 -1.79 12.73 -2.29
C LEU A 184 -0.56 12.76 -3.17
N ALA A 185 -0.74 12.49 -4.48
CA ALA A 185 0.34 12.63 -5.45
C ALA A 185 0.64 14.12 -5.68
N LYS A 186 -0.41 14.91 -5.95
CA LYS A 186 -0.25 16.35 -6.09
C LYS A 186 0.49 16.94 -4.90
N GLU A 187 0.05 16.57 -3.67
CA GLU A 187 0.62 17.16 -2.46
C GLU A 187 2.12 16.88 -2.35
N THR A 188 2.60 15.66 -2.71
CA THR A 188 4.04 15.39 -2.78
C THR A 188 4.69 16.30 -3.83
N LEU A 189 4.08 16.37 -5.02
CA LEU A 189 4.66 17.19 -6.06
C LEU A 189 4.82 18.66 -5.62
N LEU A 190 3.76 19.26 -5.06
CA LEU A 190 3.87 20.65 -4.68
C LEU A 190 4.84 20.88 -3.51
N ALA A 191 4.99 19.85 -2.69
CA ALA A 191 5.94 19.94 -1.58
C ALA A 191 7.36 19.89 -2.12
N MET A 192 7.59 19.04 -3.13
CA MET A 192 8.93 18.85 -3.66
C MET A 192 9.44 20.15 -4.28
N GLU A 193 8.56 20.79 -5.07
CA GLU A 193 8.90 22.10 -5.57
C GLU A 193 9.28 23.03 -4.44
N GLU A 194 8.44 23.11 -3.36
CA GLU A 194 8.67 24.05 -2.25
C GLU A 194 10.01 23.73 -1.59
N LEU A 195 10.25 22.46 -1.30
CA LEU A 195 11.48 22.11 -0.64
C LEU A 195 12.70 22.28 -1.54
N ARG A 196 12.55 22.24 -2.88
CA ARG A 196 13.70 22.45 -3.76
C ARG A 196 14.23 23.86 -3.54
N GLU A 197 13.29 24.83 -3.38
CA GLU A 197 13.60 26.24 -3.15
C GLU A 197 14.18 26.41 -1.74
N ARG A 198 13.49 25.85 -0.73
CA ARG A 198 13.82 26.02 0.69
C ARG A 198 15.17 25.34 1.01
N LEU A 199 15.43 24.19 0.40
CA LEU A 199 16.56 23.35 0.78
C LEU A 199 17.36 23.05 -0.48
N PRO A 200 18.12 24.03 -1.05
CA PRO A 200 18.89 23.73 -2.25
C PRO A 200 20.05 22.85 -1.83
N GLY A 201 20.42 21.90 -2.66
CA GLY A 201 21.53 21.06 -2.24
C GLY A 201 21.13 19.62 -1.98
N VAL A 202 19.85 19.42 -1.72
CA VAL A 202 19.41 18.16 -1.18
C VAL A 202 18.84 17.40 -2.38
N GLY A 203 18.97 16.09 -2.27
CA GLY A 203 18.32 15.19 -3.19
C GLY A 203 16.87 15.01 -2.83
N PHE A 204 16.10 14.54 -3.80
CA PHE A 204 14.76 14.02 -3.62
C PHE A 204 14.71 12.64 -4.25
N VAL A 205 14.10 11.65 -3.57
CA VAL A 205 13.83 10.33 -4.11
C VAL A 205 12.36 10.00 -3.90
N LEU A 206 11.78 9.21 -4.82
CA LEU A 206 10.44 8.67 -4.67
C LEU A 206 10.36 7.22 -5.12
N GLY A 207 9.52 6.44 -4.44
CA GLY A 207 9.09 5.14 -4.88
C GLY A 207 7.92 5.30 -5.83
N VAL A 208 8.26 5.67 -7.06
CA VAL A 208 7.34 6.11 -8.10
C VAL A 208 6.27 5.06 -8.41
N SER A 209 6.66 3.78 -8.34
CA SER A 209 5.74 2.68 -8.62
C SER A 209 4.50 2.69 -7.70
N ASN A 210 4.61 3.24 -6.50
CA ASN A 210 3.52 3.18 -5.56
C ASN A 210 2.30 3.93 -6.08
N VAL A 211 2.51 5.00 -6.86
CA VAL A 211 1.37 5.85 -7.23
C VAL A 211 0.27 5.03 -7.93
N SER A 212 0.65 3.89 -8.52
CA SER A 212 -0.19 3.18 -9.46
C SER A 212 -0.53 1.79 -8.97
N PHE A 213 -0.21 1.50 -7.72
CA PHE A 213 -0.45 0.17 -7.14
C PHE A 213 -1.97 -0.14 -7.17
N GLY A 214 -2.29 -1.39 -7.61
CA GLY A 214 -3.67 -1.86 -7.71
C GLY A 214 -4.32 -1.52 -9.04
N LEU A 215 -3.50 -1.60 -10.10
CA LEU A 215 -3.89 -1.36 -11.49
C LEU A 215 -3.22 -2.43 -12.36
N LYS A 216 -3.77 -2.57 -13.57
CA LYS A 216 -3.25 -3.50 -14.55
C LYS A 216 -1.89 -2.99 -15.02
N PRO A 217 -0.87 -3.88 -15.22
CA PRO A 217 0.46 -3.42 -15.61
C PRO A 217 0.50 -2.42 -16.79
N ARG A 218 -0.50 -2.45 -17.73
CA ARG A 218 -0.50 -1.54 -18.86
C ARG A 218 -0.65 -0.12 -18.30
N ALA A 219 -1.62 0.07 -17.41
CA ALA A 219 -1.94 1.37 -16.86
C ALA A 219 -0.91 1.80 -15.82
N ARG A 220 -0.24 0.84 -15.19
CA ARG A 220 0.77 1.16 -14.20
C ARG A 220 1.97 1.80 -14.90
N ARG A 221 2.53 1.09 -15.90
CA ARG A 221 3.69 1.59 -16.65
C ARG A 221 3.49 3.05 -17.03
N VAL A 222 2.28 3.38 -17.53
CA VAL A 222 1.97 4.71 -18.06
C VAL A 222 2.00 5.67 -16.90
N LEU A 223 1.21 5.38 -15.84
CA LEU A 223 1.03 6.32 -14.74
C LEU A 223 2.37 6.53 -14.02
N ASN A 224 3.12 5.45 -13.78
CA ASN A 224 4.44 5.58 -13.19
C ASN A 224 5.32 6.52 -14.02
N SER A 225 5.30 6.33 -15.36
CA SER A 225 6.15 7.12 -16.23
C SER A 225 5.78 8.59 -16.17
N VAL A 226 4.48 8.89 -16.33
CA VAL A 226 4.02 10.27 -16.28
C VAL A 226 4.35 10.88 -14.90
N PHE A 227 4.14 10.12 -13.83
CA PHE A 227 4.42 10.66 -12.51
C PHE A 227 5.92 10.90 -12.31
N LEU A 228 6.75 9.94 -12.80
CA LEU A 228 8.21 10.09 -12.73
C LEU A 228 8.64 11.41 -13.39
N ASP A 229 7.93 11.72 -14.46
CA ASP A 229 8.31 12.87 -15.23
C ASP A 229 7.92 14.14 -14.49
N GLU A 230 6.70 14.18 -13.97
CA GLU A 230 6.25 15.37 -13.24
C GLU A 230 7.15 15.67 -12.03
N ALA A 231 7.66 14.56 -11.45
CA ALA A 231 8.56 14.65 -10.32
C ALA A 231 9.90 15.27 -10.70
N ARG A 232 10.40 14.84 -11.87
CA ARG A 232 11.69 15.30 -12.38
C ARG A 232 11.68 16.82 -12.56
N LYS A 233 10.59 17.28 -13.15
CA LYS A 233 10.33 18.70 -13.33
C LYS A 233 10.07 19.46 -12.03
N ARG A 234 10.06 18.82 -10.87
CA ARG A 234 9.85 19.54 -9.60
C ARG A 234 10.99 19.35 -8.63
N GLY A 235 12.02 18.61 -9.00
CA GLY A 235 13.26 18.62 -8.22
C GLY A 235 13.81 17.21 -8.08
N LEU A 236 13.03 16.19 -8.59
CA LEU A 236 13.42 14.80 -8.33
C LEU A 236 14.85 14.53 -8.83
N THR A 237 15.72 13.99 -7.94
CA THR A 237 17.08 13.63 -8.32
C THR A 237 17.25 12.13 -8.49
N ALA A 238 16.57 11.34 -7.67
CA ALA A 238 16.68 9.89 -7.76
C ALA A 238 15.30 9.24 -7.81
N ALA A 239 15.19 7.95 -8.23
CA ALA A 239 13.91 7.23 -8.22
C ALA A 239 14.12 5.73 -8.06
N ILE A 240 13.37 5.15 -7.12
CA ILE A 240 13.32 3.72 -6.92
C ILE A 240 12.21 3.22 -7.85
N VAL A 241 12.64 2.59 -8.98
CA VAL A 241 11.75 2.09 -10.04
C VAL A 241 12.17 0.72 -10.52
N ASP A 242 11.29 0.05 -11.28
CA ASP A 242 11.65 -1.07 -12.15
C ASP A 242 12.20 -0.47 -13.44
N ALA A 243 13.52 -0.48 -13.62
CA ALA A 243 14.16 0.03 -14.81
C ALA A 243 13.48 -0.43 -16.10
N GLY A 244 12.86 -1.62 -16.08
CA GLY A 244 12.15 -2.17 -17.23
C GLY A 244 10.80 -1.50 -17.46
N LYS A 245 10.01 -1.31 -16.41
CA LYS A 245 8.62 -0.87 -16.51
C LYS A 245 8.48 0.66 -16.42
N ILE A 246 9.22 1.32 -17.39
CA ILE A 246 9.24 2.78 -17.56
C ILE A 246 9.31 3.12 -19.05
N LEU A 247 8.25 3.75 -19.57
CA LEU A 247 8.20 4.30 -20.92
C LEU A 247 8.72 5.73 -20.95
N PRO A 248 9.42 6.15 -22.01
CA PRO A 248 9.62 7.56 -22.29
C PRO A 248 8.29 8.23 -22.57
N ILE A 249 8.20 9.52 -22.24
CA ILE A 249 6.95 10.26 -22.39
C ILE A 249 6.50 10.28 -23.87
N SER A 250 7.51 10.28 -24.77
CA SER A 250 7.32 10.18 -26.21
C SER A 250 6.45 9.00 -26.64
N GLN A 251 6.65 7.82 -25.99
CA GLN A 251 5.94 6.58 -26.31
C GLN A 251 4.62 6.44 -25.58
N ILE A 252 3.99 7.59 -25.23
CA ILE A 252 2.73 7.61 -24.50
C ILE A 252 1.75 8.46 -25.31
N PRO A 253 0.68 7.83 -25.86
CA PRO A 253 -0.35 8.58 -26.57
C PRO A 253 -0.89 9.78 -25.80
N GLU A 254 -1.18 10.84 -26.56
CA GLU A 254 -1.57 12.13 -26.06
C GLU A 254 -2.83 12.07 -25.17
N GLU A 255 -3.70 11.07 -25.39
CA GLU A 255 -4.92 10.93 -24.60
C GLU A 255 -4.60 10.29 -23.26
N ALA A 256 -3.85 9.19 -23.29
CA ALA A 256 -3.43 8.47 -22.10
C ALA A 256 -2.55 9.38 -21.24
N TYR A 257 -1.77 10.24 -21.90
CA TYR A 257 -0.98 11.24 -21.20
C TYR A 257 -1.89 12.20 -20.42
N ALA A 258 -2.78 12.92 -21.12
CA ALA A 258 -3.67 13.91 -20.54
C ALA A 258 -4.55 13.36 -19.41
N LEU A 259 -4.90 12.08 -19.51
CA LEU A 259 -5.71 11.42 -18.50
C LEU A 259 -4.87 11.15 -17.25
N ALA A 260 -3.65 10.67 -17.47
CA ALA A 260 -2.70 10.42 -16.39
C ALA A 260 -2.45 11.68 -15.57
N LEU A 261 -2.35 12.79 -16.29
CA LEU A 261 -2.14 14.07 -15.64
C LEU A 261 -3.36 14.48 -14.79
N ASP A 262 -4.56 14.24 -15.33
CA ASP A 262 -5.80 14.54 -14.66
C ASP A 262 -5.91 13.75 -13.34
N LEU A 263 -5.44 12.51 -13.33
CA LEU A 263 -5.47 11.66 -12.15
C LEU A 263 -4.41 12.13 -11.18
N ILE A 264 -3.18 12.42 -11.63
CA ILE A 264 -2.08 12.84 -10.75
C ILE A 264 -2.41 14.16 -10.05
N TYR A 265 -3.08 15.05 -10.71
CA TYR A 265 -3.39 16.37 -10.17
C TYR A 265 -4.86 16.43 -9.75
N ASP A 266 -5.57 15.29 -9.77
CA ASP A 266 -6.92 15.20 -9.20
C ASP A 266 -7.84 16.23 -9.83
N ARG A 267 -7.97 16.20 -11.17
CA ARG A 267 -8.61 17.29 -11.89
C ARG A 267 -10.07 16.94 -12.11
N ARG A 268 -10.87 16.99 -11.02
CA ARG A 268 -12.26 16.55 -11.05
C ARG A 268 -13.14 17.68 -11.59
N LYS A 269 -14.24 17.29 -12.23
CA LYS A 269 -15.27 18.21 -12.65
C LYS A 269 -16.57 17.40 -12.70
N GLU A 270 -17.73 18.09 -12.60
CA GLU A 270 -19.01 17.41 -12.77
C GLU A 270 -18.96 16.38 -13.91
N GLY A 271 -19.00 15.07 -13.57
CA GLY A 271 -19.13 14.02 -14.57
C GLY A 271 -17.79 13.52 -15.10
N PHE A 272 -16.70 13.93 -14.46
CA PHE A 272 -15.37 13.51 -14.89
C PHE A 272 -14.67 12.98 -13.65
N ASP A 273 -14.45 11.66 -13.62
CA ASP A 273 -13.64 11.04 -12.59
C ASP A 273 -12.31 10.64 -13.22
N PRO A 274 -11.22 11.43 -13.07
CA PRO A 274 -9.89 11.05 -13.50
C PRO A 274 -9.54 9.57 -13.46
N LEU A 275 -9.77 8.96 -12.34
CA LEU A 275 -9.32 7.60 -12.09
C LEU A 275 -10.09 6.64 -12.99
N LEU A 276 -11.39 6.85 -13.09
CA LEU A 276 -12.24 5.98 -13.88
C LEU A 276 -11.96 6.16 -15.36
N ALA A 277 -11.80 7.40 -15.78
CA ALA A 277 -11.41 7.75 -17.14
C ALA A 277 -10.05 7.15 -17.53
N PHE A 278 -9.06 7.23 -16.66
CA PHE A 278 -7.75 6.66 -16.92
C PHE A 278 -7.86 5.14 -17.04
N MET A 279 -8.75 4.53 -16.28
CA MET A 279 -8.93 3.08 -16.34
C MET A 279 -9.72 2.67 -17.57
N ALA A 280 -10.61 3.58 -18.07
CA ALA A 280 -11.44 3.39 -19.25
C ALA A 280 -10.59 3.05 -20.46
N TYR A 281 -9.57 3.90 -20.68
CA TYR A 281 -8.44 3.57 -21.55
C TYR A 281 -7.89 2.19 -21.09
N PHE A 282 -7.22 1.40 -21.93
CA PHE A 282 -6.66 0.12 -21.46
C PHE A 282 -7.71 -0.99 -21.23
N GLU A 283 -9.02 -0.69 -21.40
CA GLU A 283 -10.10 -1.67 -21.35
C GLU A 283 -11.16 -1.25 -22.36
N ASP A 288 -18.00 0.56 -28.84
CA ASP A 288 -17.64 0.55 -27.40
C ASP A 288 -18.36 1.69 -26.66
N PRO A 289 -18.07 3.01 -26.92
CA PRO A 289 -18.48 4.05 -25.97
C PRO A 289 -19.99 4.23 -25.84
N GLY A 290 -20.69 4.49 -26.96
CA GLY A 290 -22.12 4.70 -26.93
C GLY A 290 -22.89 3.39 -26.80
N LYS A 291 -22.26 2.31 -27.24
CA LYS A 291 -22.92 1.04 -27.50
C LYS A 291 -23.29 0.30 -26.21
N ARG A 292 -22.35 0.21 -25.26
CA ARG A 292 -22.54 -0.56 -24.04
C ARG A 292 -23.49 0.19 -23.10
N GLU A 293 -23.60 1.51 -23.27
CA GLU A 293 -24.54 2.31 -22.49
C GLU A 293 -25.96 1.74 -22.62
N ASP A 294 -26.46 1.64 -23.87
CA ASP A 294 -27.81 1.15 -24.17
C ASP A 294 -28.03 -0.25 -23.62
N ALA A 295 -26.98 -1.10 -23.72
CA ALA A 295 -27.08 -2.50 -23.32
C ALA A 295 -27.55 -2.63 -21.89
N PHE A 296 -27.05 -1.72 -21.00
CA PHE A 296 -27.38 -1.75 -19.58
C PHE A 296 -28.89 -1.55 -19.37
N LEU A 297 -29.48 -0.50 -19.99
CA LEU A 297 -30.90 -0.18 -19.80
C LEU A 297 -31.79 -1.34 -20.26
N ALA A 298 -31.29 -2.18 -21.18
CA ALA A 298 -32.05 -3.28 -21.73
C ALA A 298 -32.20 -4.43 -20.74
N LEU A 299 -31.34 -4.51 -19.71
CA LEU A 299 -31.31 -5.67 -18.81
C LEU A 299 -32.66 -5.83 -18.10
N PRO A 300 -33.15 -7.07 -17.85
CA PRO A 300 -34.28 -7.28 -16.93
C PRO A 300 -33.89 -6.86 -15.51
N LEU A 301 -34.86 -6.39 -14.72
CA LEU A 301 -34.54 -5.75 -13.44
C LEU A 301 -33.80 -6.71 -12.47
N LEU A 302 -34.14 -8.01 -12.45
CA LEU A 302 -33.46 -8.99 -11.59
C LEU A 302 -31.94 -8.90 -11.82
N GLU A 303 -31.46 -8.87 -13.08
CA GLU A 303 -30.02 -8.80 -13.38
C GLU A 303 -29.53 -7.34 -13.43
N ARG A 304 -30.43 -6.38 -13.73
CA ARG A 304 -30.04 -4.97 -13.80
C ARG A 304 -29.64 -4.47 -12.41
N LEU A 305 -30.39 -4.88 -11.37
CA LEU A 305 -30.05 -4.54 -9.98
C LEU A 305 -28.75 -5.20 -9.53
N LYS A 306 -28.48 -6.42 -10.04
CA LYS A 306 -27.21 -7.11 -9.83
C LYS A 306 -26.08 -6.42 -10.59
N ARG A 307 -26.32 -5.86 -11.79
CA ARG A 307 -25.29 -5.14 -12.53
C ARG A 307 -25.04 -3.73 -11.96
N ARG A 308 -25.97 -3.16 -11.18
CA ARG A 308 -25.72 -1.88 -10.51
C ARG A 308 -24.57 -2.05 -9.52
N VAL A 309 -24.68 -3.11 -8.71
CA VAL A 309 -23.66 -3.49 -7.74
C VAL A 309 -22.35 -3.79 -8.50
N VAL A 310 -22.38 -4.58 -9.59
CA VAL A 310 -21.14 -5.05 -10.21
C VAL A 310 -20.41 -3.89 -10.92
N GLU A 311 -21.13 -3.05 -11.70
CA GLU A 311 -20.50 -2.02 -12.50
C GLU A 311 -20.35 -0.71 -11.72
N GLY A 312 -21.15 -0.54 -10.66
CA GLY A 312 -21.06 0.63 -9.79
C GLY A 312 -21.79 1.82 -10.42
N ARG A 313 -23.08 1.62 -10.69
CA ARG A 313 -23.93 2.63 -11.31
C ARG A 313 -24.88 3.21 -10.26
N LYS A 314 -24.49 4.35 -9.68
CA LYS A 314 -25.35 5.07 -8.74
C LYS A 314 -26.00 6.25 -9.45
N GLN A 315 -26.12 6.16 -10.78
CA GLN A 315 -26.73 7.21 -11.57
C GLN A 315 -28.17 6.78 -11.91
N GLY A 316 -29.15 7.15 -11.06
CA GLY A 316 -30.54 6.77 -11.21
C GLY A 316 -30.84 5.39 -10.62
N LEU A 317 -30.30 5.12 -9.42
CA LEU A 317 -30.41 3.81 -8.76
C LEU A 317 -31.68 3.75 -7.90
N GLU A 318 -32.06 4.91 -7.32
CA GLU A 318 -33.29 5.10 -6.56
C GLU A 318 -34.53 4.81 -7.42
N ALA A 319 -34.47 5.09 -8.73
CA ALA A 319 -35.56 4.83 -9.68
C ALA A 319 -35.80 3.32 -9.95
N ASP A 320 -34.73 2.54 -10.23
CA ASP A 320 -34.79 1.08 -10.39
C ASP A 320 -35.26 0.39 -9.10
N LEU A 321 -34.88 0.92 -7.91
CA LEU A 321 -35.17 0.28 -6.64
C LEU A 321 -36.64 0.42 -6.23
N GLU A 322 -37.44 1.23 -6.96
CA GLU A 322 -38.89 1.32 -6.76
C GLU A 322 -39.64 0.29 -7.62
N GLU A 323 -39.23 0.16 -8.88
CA GLU A 323 -39.77 -0.80 -9.86
C GLU A 323 -39.73 -2.24 -9.33
N ALA A 324 -38.74 -2.58 -8.48
CA ALA A 324 -38.65 -3.84 -7.73
C ALA A 324 -39.76 -3.99 -6.70
N LEU A 325 -39.94 -2.98 -5.83
CA LEU A 325 -40.93 -2.99 -4.76
C LEU A 325 -42.36 -2.90 -5.35
N LYS A 326 -42.51 -2.37 -6.59
CA LYS A 326 -43.76 -2.35 -7.36
C LYS A 326 -44.11 -3.71 -7.99
N ALA A 327 -43.22 -4.71 -7.91
CA ALA A 327 -43.55 -6.09 -8.24
C ALA A 327 -43.86 -6.90 -6.97
N GLY A 328 -43.89 -6.25 -5.80
CA GLY A 328 -44.21 -6.96 -4.56
C GLY A 328 -43.02 -7.74 -4.01
N HIS A 329 -41.80 -7.46 -4.49
CA HIS A 329 -40.58 -8.11 -4.01
C HIS A 329 -40.16 -7.49 -2.67
N LYS A 330 -39.97 -8.34 -1.65
CA LYS A 330 -39.72 -7.86 -0.30
C LYS A 330 -38.31 -7.24 -0.23
N PRO A 331 -38.07 -6.15 0.58
CA PRO A 331 -36.73 -5.58 0.71
C PRO A 331 -35.63 -6.54 1.20
N LEU A 332 -35.97 -7.59 1.96
CA LEU A 332 -35.04 -8.66 2.34
C LEU A 332 -34.64 -9.51 1.12
N ASP A 333 -35.61 -9.74 0.21
CA ASP A 333 -35.43 -10.55 -1.00
C ASP A 333 -34.47 -9.86 -1.99
N LEU A 334 -34.51 -8.51 -2.06
CA LEU A 334 -33.63 -7.73 -2.92
C LEU A 334 -32.23 -7.61 -2.32
N ILE A 335 -32.10 -7.56 -0.99
CA ILE A 335 -30.81 -7.44 -0.31
C ILE A 335 -30.07 -8.78 -0.33
N ASN A 336 -30.75 -9.89 0.01
CA ASN A 336 -30.15 -11.21 0.06
C ASN A 336 -30.14 -11.96 -1.28
N GLY A 337 -30.77 -11.42 -2.34
CA GLY A 337 -30.87 -12.05 -3.65
C GLY A 337 -30.03 -11.33 -4.71
N PRO A 338 -30.59 -10.39 -5.53
CA PRO A 338 -29.82 -9.67 -6.55
C PRO A 338 -28.63 -8.80 -6.09
N LEU A 339 -28.80 -8.03 -4.99
CA LEU A 339 -27.77 -7.09 -4.55
C LEU A 339 -26.62 -7.81 -3.88
N LEU A 340 -26.91 -8.95 -3.22
CA LEU A 340 -25.88 -9.76 -2.59
C LEU A 340 -25.19 -10.59 -3.68
N ALA A 341 -25.97 -11.14 -4.62
CA ALA A 341 -25.40 -11.84 -5.78
C ALA A 341 -24.40 -10.98 -6.55
N GLY A 342 -24.73 -9.69 -6.69
CA GLY A 342 -23.83 -8.73 -7.33
C GLY A 342 -22.56 -8.54 -6.51
N MET A 343 -22.74 -8.35 -5.19
CA MET A 343 -21.62 -8.08 -4.31
C MET A 343 -20.68 -9.28 -4.30
N LYS A 344 -21.25 -10.48 -4.11
CA LYS A 344 -20.47 -11.72 -4.11
C LYS A 344 -19.64 -11.86 -5.38
N GLU A 345 -20.26 -11.48 -6.52
CA GLU A 345 -19.60 -11.57 -7.81
C GLU A 345 -18.42 -10.61 -7.89
N VAL A 346 -18.55 -9.41 -7.31
CA VAL A 346 -17.43 -8.47 -7.23
C VAL A 346 -16.32 -9.08 -6.38
N GLY A 347 -16.68 -9.78 -5.29
CA GLY A 347 -15.77 -10.55 -4.47
C GLY A 347 -15.06 -11.69 -5.20
N ASP A 348 -15.85 -12.43 -6.02
CA ASP A 348 -15.37 -13.50 -6.90
C ASP A 348 -14.36 -12.90 -7.87
N LEU A 349 -14.76 -11.81 -8.58
CA LEU A 349 -13.99 -11.20 -9.64
C LEU A 349 -12.69 -10.64 -9.08
N PHE A 350 -12.74 -9.99 -7.92
CA PHE A 350 -11.55 -9.42 -7.29
C PHE A 350 -10.61 -10.51 -6.78
N GLY A 351 -11.18 -11.56 -6.14
CA GLY A 351 -10.40 -12.69 -5.66
C GLY A 351 -9.73 -13.50 -6.79
N ALA A 352 -10.41 -13.64 -7.94
CA ALA A 352 -9.81 -14.21 -9.15
C ALA A 352 -8.66 -13.33 -9.65
N GLY A 353 -8.79 -12.00 -9.48
CA GLY A 353 -7.83 -11.00 -9.93
C GLY A 353 -8.22 -10.40 -11.30
N LYS A 354 -9.51 -10.11 -11.52
CA LYS A 354 -10.03 -9.64 -12.79
C LYS A 354 -10.46 -8.17 -12.64
N MET A 355 -11.27 -7.89 -11.61
CA MET A 355 -11.72 -6.54 -11.28
C MET A 355 -10.64 -5.79 -10.50
N GLN A 356 -10.63 -4.46 -10.68
CA GLN A 356 -9.74 -3.60 -9.92
C GLN A 356 -10.56 -2.85 -8.85
N LEU A 357 -9.82 -2.29 -7.88
CA LEU A 357 -10.38 -1.84 -6.60
C LEU A 357 -11.45 -0.76 -6.78
N PRO A 358 -11.26 0.24 -7.67
CA PRO A 358 -12.17 1.38 -7.70
C PRO A 358 -13.60 0.98 -7.97
N PHE A 359 -13.76 -0.06 -8.80
CA PHE A 359 -15.07 -0.54 -9.18
C PHE A 359 -15.69 -1.28 -8.01
N VAL A 360 -14.84 -1.97 -7.24
CA VAL A 360 -15.18 -2.65 -5.99
C VAL A 360 -15.74 -1.63 -4.98
N LEU A 361 -15.16 -0.43 -4.88
CA LEU A 361 -15.60 0.55 -3.93
C LEU A 361 -16.93 1.19 -4.37
N GLN A 362 -17.14 1.35 -5.66
CA GLN A 362 -18.42 1.83 -6.15
C GLN A 362 -19.48 0.77 -5.96
N ALA A 363 -19.05 -0.51 -6.00
CA ALA A 363 -19.92 -1.64 -5.71
C ALA A 363 -20.43 -1.52 -4.28
N ALA A 364 -19.51 -1.31 -3.33
CA ALA A 364 -19.84 -1.13 -1.94
C ALA A 364 -20.73 0.10 -1.73
N GLU A 365 -20.46 1.19 -2.46
CA GLU A 365 -21.21 2.43 -2.30
C GLU A 365 -22.64 2.27 -2.82
N VAL A 366 -22.85 1.43 -3.87
CA VAL A 366 -24.17 1.09 -4.39
C VAL A 366 -24.91 0.24 -3.35
N MET A 367 -24.23 -0.69 -2.66
CA MET A 367 -24.89 -1.47 -1.62
C MET A 367 -25.14 -0.61 -0.38
N LYS A 368 -24.37 0.48 -0.18
CA LYS A 368 -24.64 1.47 0.86
C LYS A 368 -25.93 2.25 0.56
N ARG A 369 -26.07 2.71 -0.69
CA ARG A 369 -27.25 3.46 -1.12
C ARG A 369 -28.49 2.57 -1.27
N ALA A 370 -28.30 1.26 -1.55
CA ALA A 370 -29.40 0.31 -1.72
C ALA A 370 -30.02 -0.08 -0.38
N VAL A 371 -29.19 -0.37 0.63
CA VAL A 371 -29.69 -0.68 1.97
C VAL A 371 -30.34 0.57 2.57
N ALA A 372 -29.84 1.79 2.24
CA ALA A 372 -30.37 3.08 2.69
C ALA A 372 -31.82 3.33 2.25
N TYR A 373 -32.21 2.78 1.09
CA TYR A 373 -33.52 2.99 0.49
C TYR A 373 -34.52 1.91 0.92
N LEU A 374 -34.02 0.68 1.16
CA LEU A 374 -34.85 -0.51 1.39
C LEU A 374 -35.15 -0.74 2.89
N GLU A 375 -34.14 -0.63 3.78
CA GLU A 375 -34.28 -1.02 5.18
C GLU A 375 -34.92 0.09 5.99
N PRO A 376 -34.28 1.27 6.27
CA PRO A 376 -34.96 2.36 6.94
C PRO A 376 -35.95 3.09 6.03
N HIS A 377 -36.76 3.95 6.73
CA HIS A 377 -38.10 4.46 6.40
C HIS A 377 -38.17 5.20 5.06
N LYS A 385 -25.35 -6.67 12.63
CA LYS A 385 -24.87 -7.89 11.93
C LYS A 385 -23.71 -8.50 12.69
N GLY A 386 -22.93 -7.63 13.33
CA GLY A 386 -21.81 -8.05 14.15
C GLY A 386 -20.82 -6.90 14.29
N THR A 387 -19.71 -7.15 14.98
CA THR A 387 -18.74 -6.10 15.26
C THR A 387 -17.31 -6.64 15.15
N LEU A 388 -16.42 -5.81 14.58
CA LEU A 388 -15.00 -6.11 14.41
C LEU A 388 -14.18 -4.96 15.00
N VAL A 389 -13.19 -5.29 15.83
CA VAL A 389 -12.30 -4.28 16.35
C VAL A 389 -11.05 -4.42 15.52
N LEU A 390 -10.87 -3.43 14.65
CA LEU A 390 -9.81 -3.41 13.66
C LEU A 390 -8.75 -2.41 14.12
N ALA A 391 -7.47 -2.81 14.04
CA ALA A 391 -6.35 -1.89 14.25
C ALA A 391 -5.12 -2.30 13.44
N THR A 392 -4.25 -1.32 13.13
CA THR A 392 -2.90 -1.61 12.65
C THR A 392 -1.95 -1.65 13.87
N VAL A 393 -1.07 -2.67 13.90
CA VAL A 393 -0.33 -3.04 15.07
C VAL A 393 0.75 -2.03 15.39
N LYS A 394 1.33 -2.15 16.57
CA LYS A 394 2.34 -1.24 17.08
C LYS A 394 3.46 -1.09 16.06
N GLY A 395 3.82 0.18 15.79
CA GLY A 395 5.00 0.47 14.99
C GLY A 395 4.83 0.28 13.48
N ASP A 396 3.59 0.18 13.01
CA ASP A 396 3.27 0.10 11.60
C ASP A 396 2.27 1.19 11.28
N VAL A 397 2.53 1.96 10.21
CA VAL A 397 1.69 3.10 9.85
C VAL A 397 0.87 2.79 8.59
N HIS A 398 0.96 1.58 8.01
CA HIS A 398 0.19 1.18 6.85
C HIS A 398 -1.31 1.08 7.19
N GLY A 399 -2.04 2.23 6.98
CA GLY A 399 -3.45 2.50 7.24
C GLY A 399 -4.38 2.17 6.09
N ILE A 400 -3.87 2.08 4.85
CA ILE A 400 -4.74 1.98 3.68
C ILE A 400 -5.47 0.63 3.56
N GLY A 401 -4.71 -0.49 3.64
CA GLY A 401 -5.27 -1.84 3.66
C GLY A 401 -6.40 -2.03 4.71
N LYS A 402 -6.14 -1.57 5.96
CA LYS A 402 -7.19 -1.65 6.97
C LYS A 402 -8.36 -0.78 6.54
N ASN A 403 -8.13 0.44 6.06
CA ASN A 403 -9.24 1.31 5.70
C ASN A 403 -10.09 0.66 4.61
N LEU A 404 -9.48 -0.06 3.69
CA LEU A 404 -10.26 -0.75 2.67
C LEU A 404 -11.19 -1.77 3.34
N VAL A 405 -10.64 -2.62 4.21
CA VAL A 405 -11.41 -3.59 4.97
C VAL A 405 -12.54 -2.89 5.74
N ASP A 406 -12.27 -1.71 6.31
CA ASP A 406 -13.30 -0.94 6.99
C ASP A 406 -14.46 -0.69 6.03
N ILE A 407 -14.18 -0.17 4.82
CA ILE A 407 -15.20 0.26 3.87
C ILE A 407 -16.06 -0.93 3.41
N ILE A 408 -15.41 -2.06 3.12
CA ILE A 408 -16.08 -3.25 2.62
C ILE A 408 -17.05 -3.78 3.68
N LEU A 409 -16.57 -3.94 4.92
CA LEU A 409 -17.38 -4.54 5.95
C LEU A 409 -18.49 -3.57 6.38
N SER A 410 -18.15 -2.27 6.49
CA SER A 410 -19.09 -1.20 6.82
C SER A 410 -20.30 -1.19 5.90
N ASN A 411 -20.05 -1.31 4.57
CA ASN A 411 -21.09 -1.19 3.57
C ASN A 411 -21.76 -2.54 3.29
N ASN A 412 -21.40 -3.60 4.03
CA ASN A 412 -22.11 -4.88 3.99
C ASN A 412 -22.70 -5.24 5.34
N GLY A 413 -22.92 -4.22 6.18
CA GLY A 413 -23.76 -4.35 7.37
C GLY A 413 -23.00 -4.59 8.68
N TYR A 414 -21.68 -4.89 8.63
CA TYR A 414 -20.90 -5.11 9.85
C TYR A 414 -20.51 -3.76 10.46
N ARG A 415 -20.42 -3.73 11.82
CA ARG A 415 -19.95 -2.55 12.52
C ARG A 415 -18.45 -2.68 12.76
N VAL A 416 -17.67 -1.71 12.31
CA VAL A 416 -16.22 -1.80 12.43
C VAL A 416 -15.73 -0.69 13.36
N VAL A 417 -14.96 -1.10 14.38
CA VAL A 417 -14.32 -0.17 15.30
C VAL A 417 -12.88 0.00 14.84
N ASN A 418 -12.55 1.21 14.32
CA ASN A 418 -11.28 1.40 13.68
C ASN A 418 -10.39 2.17 14.64
N LEU A 419 -9.38 1.48 15.19
CA LEU A 419 -8.52 2.06 16.21
C LEU A 419 -7.40 2.90 15.62
N GLY A 420 -7.35 3.06 14.30
CA GLY A 420 -6.24 3.82 13.73
C GLY A 420 -4.98 2.94 13.65
N ILE A 421 -3.82 3.62 13.76
CA ILE A 421 -2.56 2.94 13.50
C ILE A 421 -1.70 2.96 14.76
N LYS A 422 -0.61 2.18 14.79
CA LYS A 422 0.37 2.10 15.85
C LYS A 422 -0.27 1.70 17.20
N VAL A 423 -1.33 0.88 17.15
CA VAL A 423 -2.14 0.59 18.30
C VAL A 423 -1.51 -0.54 19.09
N PRO A 424 -1.18 -0.34 20.39
CA PRO A 424 -0.67 -1.41 21.24
C PRO A 424 -1.76 -2.38 21.71
N ILE A 425 -1.38 -3.64 21.97
CA ILE A 425 -2.33 -4.73 22.29
C ILE A 425 -3.25 -4.31 23.44
N GLU A 426 -2.74 -3.48 24.37
CA GLU A 426 -3.50 -3.12 25.56
C GLU A 426 -4.71 -2.28 25.15
N GLU A 427 -4.49 -1.32 24.24
CA GLU A 427 -5.54 -0.45 23.68
C GLU A 427 -6.54 -1.23 22.83
N ILE A 428 -6.09 -2.28 22.16
CA ILE A 428 -6.99 -3.10 21.37
C ILE A 428 -7.94 -3.81 22.34
N LEU A 429 -7.37 -4.54 23.31
CA LEU A 429 -8.14 -5.36 24.24
C LEU A 429 -9.04 -4.50 25.13
N LYS A 430 -8.62 -3.25 25.36
CA LYS A 430 -9.48 -2.25 26.00
C LYS A 430 -10.73 -2.04 25.16
N ALA A 431 -10.59 -1.95 23.83
CA ALA A 431 -11.74 -1.74 22.96
C ALA A 431 -12.50 -3.04 22.70
N VAL A 432 -11.85 -4.21 22.85
CA VAL A 432 -12.52 -5.52 22.80
C VAL A 432 -13.48 -5.66 23.99
N GLU A 433 -12.96 -5.28 25.17
CA GLU A 433 -13.69 -5.35 26.43
C GLU A 433 -14.89 -4.39 26.43
N ALA A 434 -14.81 -3.30 25.65
CA ALA A 434 -15.87 -2.30 25.62
C ALA A 434 -16.90 -2.65 24.55
N HIS A 435 -16.52 -3.16 23.38
CA HIS A 435 -17.48 -3.36 22.30
C HIS A 435 -17.86 -4.83 22.19
N LYS A 436 -17.23 -5.73 22.96
CA LYS A 436 -17.46 -7.18 22.85
C LYS A 436 -17.69 -7.63 21.41
N PRO A 437 -16.67 -7.54 20.53
CA PRO A 437 -16.85 -7.80 19.12
C PRO A 437 -16.85 -9.29 18.81
N HIS A 438 -17.32 -9.64 17.59
CA HIS A 438 -17.36 -11.01 17.14
C HIS A 438 -15.98 -11.43 16.69
N ALA A 439 -15.10 -10.44 16.40
CA ALA A 439 -13.70 -10.72 16.09
C ALA A 439 -12.78 -9.49 16.21
N VAL A 440 -11.46 -9.75 16.37
CA VAL A 440 -10.42 -8.72 16.32
C VAL A 440 -9.68 -8.81 14.99
N GLY A 441 -9.51 -7.67 14.34
CA GLY A 441 -8.69 -7.60 13.15
C GLY A 441 -7.41 -6.83 13.40
N MET A 442 -6.27 -7.43 13.02
CA MET A 442 -4.99 -6.74 13.18
C MET A 442 -4.30 -6.70 11.81
N SER A 443 -4.01 -5.49 11.30
CA SER A 443 -3.26 -5.30 10.07
C SER A 443 -1.78 -5.04 10.34
N GLY A 444 -0.94 -5.30 9.34
CA GLY A 444 0.44 -4.86 9.38
C GLY A 444 1.12 -5.39 8.13
N LEU A 445 1.81 -4.52 7.38
CA LEU A 445 2.41 -4.91 6.10
C LEU A 445 3.92 -5.11 6.20
N LEU A 446 4.58 -4.49 7.18
CA LEU A 446 5.99 -4.72 7.45
C LEU A 446 6.25 -6.10 8.06
N VAL A 447 7.52 -6.51 7.99
CA VAL A 447 7.90 -7.87 8.34
C VAL A 447 7.94 -7.90 9.87
N LYS A 448 8.56 -6.89 10.48
CA LYS A 448 8.63 -6.78 11.92
C LYS A 448 7.21 -6.76 12.54
N SER A 449 6.20 -6.27 11.76
CA SER A 449 4.82 -6.27 12.22
C SER A 449 4.27 -7.70 12.45
N THR A 450 4.75 -8.65 11.66
CA THR A 450 4.34 -10.03 11.85
C THR A 450 4.76 -10.50 13.25
N LEU A 451 5.94 -10.02 13.75
CA LEU A 451 6.46 -10.35 15.08
C LEU A 451 5.55 -9.73 16.16
N VAL A 452 5.12 -8.49 15.93
CA VAL A 452 4.22 -7.82 16.85
C VAL A 452 2.89 -8.59 16.91
N MET A 453 2.48 -9.25 15.82
CA MET A 453 1.25 -10.02 15.88
C MET A 453 1.44 -11.28 16.71
N LYS A 454 2.62 -11.91 16.60
CA LYS A 454 2.99 -13.14 17.32
C LYS A 454 2.91 -12.80 18.82
N GLU A 455 3.58 -11.70 19.18
CA GLU A 455 3.68 -11.18 20.52
C GLU A 455 2.29 -10.93 21.12
N ASN A 456 1.43 -10.26 20.34
CA ASN A 456 0.09 -9.92 20.79
C ASN A 456 -0.74 -11.19 21.06
N LEU A 457 -0.59 -12.20 20.24
CA LEU A 457 -1.32 -13.44 20.42
C LEU A 457 -0.84 -14.14 21.68
N GLU A 458 0.48 -14.07 21.93
CA GLU A 458 1.05 -14.65 23.13
C GLU A 458 0.35 -14.02 24.36
N TYR A 459 0.18 -12.69 24.35
CA TYR A 459 -0.45 -11.96 25.44
C TYR A 459 -1.92 -12.34 25.58
N MET A 460 -2.63 -12.41 24.48
CA MET A 460 -4.05 -12.76 24.54
C MET A 460 -4.26 -14.19 25.04
N ARG A 461 -3.33 -15.09 24.73
CA ARG A 461 -3.32 -16.43 25.32
C ARG A 461 -3.10 -16.33 26.84
N ASP A 462 -2.15 -15.50 27.28
CA ASP A 462 -1.95 -15.30 28.71
C ASP A 462 -3.21 -14.80 29.44
N ARG A 463 -3.96 -13.91 28.81
CA ARG A 463 -5.13 -13.31 29.44
C ARG A 463 -6.36 -14.21 29.27
N GLY A 464 -6.20 -15.32 28.56
CA GLY A 464 -7.21 -16.36 28.45
C GLY A 464 -8.32 -15.98 27.48
N TYR A 465 -7.95 -15.38 26.35
CA TYR A 465 -8.90 -15.05 25.31
C TYR A 465 -9.02 -16.23 24.37
N THR A 466 -10.22 -16.40 23.79
CA THR A 466 -10.48 -17.42 22.76
C THR A 466 -11.18 -16.83 21.52
N LEU A 467 -11.20 -15.49 21.39
CA LEU A 467 -11.93 -14.75 20.38
C LEU A 467 -11.24 -14.96 19.03
N PRO A 468 -11.96 -14.99 17.88
CA PRO A 468 -11.30 -14.99 16.59
C PRO A 468 -10.47 -13.72 16.28
N VAL A 469 -9.19 -13.96 15.94
CA VAL A 469 -8.25 -12.93 15.53
C VAL A 469 -7.92 -13.17 14.05
N ILE A 470 -8.23 -12.16 13.23
CA ILE A 470 -7.91 -12.16 11.81
C ILE A 470 -6.69 -11.26 11.56
N LEU A 471 -5.61 -11.87 11.09
CA LEU A 471 -4.41 -11.12 10.75
C LEU A 471 -4.35 -10.96 9.23
N GLY A 472 -4.47 -9.75 8.71
CA GLY A 472 -4.63 -9.53 7.29
C GLY A 472 -3.41 -8.85 6.64
N GLY A 473 -2.41 -8.50 7.47
CA GLY A 473 -1.15 -8.00 6.95
C GLY A 473 -0.62 -8.85 5.77
N ALA A 474 -0.17 -8.18 4.72
CA ALA A 474 0.22 -8.85 3.49
C ALA A 474 1.30 -9.88 3.81
N ALA A 475 2.27 -9.48 4.66
CA ALA A 475 3.49 -10.25 4.80
C ALA A 475 3.25 -11.53 5.59
N LEU A 476 2.36 -12.43 5.14
CA LEU A 476 1.93 -13.49 6.05
C LEU A 476 1.76 -14.82 5.33
N THR A 477 2.87 -15.50 5.10
CA THR A 477 2.81 -16.91 4.72
C THR A 477 1.76 -17.64 5.55
N ARG A 478 0.82 -18.36 4.92
CA ARG A 478 -0.12 -19.19 5.66
C ARG A 478 0.64 -20.15 6.58
N SER A 479 1.87 -20.53 6.16
CA SER A 479 2.68 -21.46 6.93
C SER A 479 2.99 -20.92 8.35
N TYR A 480 3.51 -19.68 8.43
CA TYR A 480 3.78 -18.97 9.67
C TYR A 480 2.49 -18.87 10.49
N VAL A 481 1.35 -18.58 9.82
CA VAL A 481 0.04 -18.49 10.47
C VAL A 481 -0.28 -19.83 11.13
N GLU A 482 0.13 -20.93 10.51
CA GLU A 482 0.00 -22.24 11.15
C GLU A 482 0.91 -22.33 12.37
N GLU A 483 2.13 -21.81 12.26
CA GLU A 483 3.03 -21.73 13.41
C GLU A 483 2.42 -20.91 14.57
N LEU A 484 1.70 -19.82 14.21
CA LEU A 484 0.98 -18.98 15.19
C LEU A 484 -0.21 -19.70 15.85
N ARG A 485 -0.78 -20.74 15.23
CA ARG A 485 -1.87 -21.52 15.80
C ARG A 485 -1.40 -22.31 17.03
N ALA A 486 -0.08 -22.56 17.16
CA ALA A 486 0.52 -23.21 18.33
C ALA A 486 0.35 -22.35 19.56
N ILE A 487 0.40 -21.02 19.36
CA ILE A 487 0.25 -20.02 20.42
C ILE A 487 -1.25 -19.78 20.69
N TYR A 488 -1.95 -19.31 19.65
CA TYR A 488 -3.36 -18.97 19.76
C TYR A 488 -4.17 -19.80 18.75
N PRO A 489 -5.11 -20.67 19.18
CA PRO A 489 -5.80 -21.56 18.24
C PRO A 489 -6.74 -20.90 17.22
N ASN A 490 -7.45 -19.81 17.58
CA ASN A 490 -8.42 -19.17 16.69
C ASN A 490 -7.85 -17.98 15.89
N VAL A 491 -6.73 -18.19 15.19
CA VAL A 491 -6.22 -17.19 14.25
C VAL A 491 -6.65 -17.56 12.83
N TYR A 492 -6.83 -16.52 11.99
CA TYR A 492 -7.12 -16.65 10.57
C TYR A 492 -6.25 -15.67 9.77
N TYR A 493 -5.74 -16.09 8.60
CA TYR A 493 -5.11 -15.19 7.62
C TYR A 493 -6.14 -14.78 6.56
N ALA A 494 -6.27 -13.48 6.31
CA ALA A 494 -7.06 -12.94 5.20
C ALA A 494 -6.10 -12.35 4.16
N GLU A 495 -5.84 -13.15 3.12
CA GLU A 495 -4.94 -12.73 2.05
C GLU A 495 -5.47 -11.44 1.41
N ASP A 496 -6.78 -11.25 1.37
CA ASP A 496 -7.35 -10.01 0.85
C ASP A 496 -8.53 -9.61 1.71
N ALA A 497 -8.99 -8.36 1.51
CA ALA A 497 -10.12 -7.76 2.21
C ALA A 497 -11.41 -8.55 2.08
N PHE A 498 -11.56 -9.33 1.02
CA PHE A 498 -12.80 -10.06 0.85
C PHE A 498 -12.80 -11.31 1.71
N GLU A 499 -11.65 -11.93 1.89
CA GLU A 499 -11.53 -13.08 2.79
C GLU A 499 -12.02 -12.65 4.18
N GLY A 500 -11.77 -11.36 4.51
CA GLY A 500 -12.31 -10.69 5.69
C GLY A 500 -13.84 -10.78 5.77
N LEU A 501 -14.53 -10.38 4.70
CA LEU A 501 -15.99 -10.39 4.69
C LEU A 501 -16.53 -11.82 4.75
N ARG A 502 -15.82 -12.78 4.11
CA ARG A 502 -16.19 -14.18 4.12
C ARG A 502 -16.03 -14.71 5.55
N LEU A 503 -14.90 -14.36 6.21
CA LEU A 503 -14.61 -14.85 7.55
C LEU A 503 -15.55 -14.26 8.61
N MET A 504 -16.02 -13.01 8.43
CA MET A 504 -17.03 -12.43 9.30
C MET A 504 -18.40 -13.09 9.11
N GLU A 505 -18.72 -13.54 7.89
CA GLU A 505 -19.95 -14.27 7.63
C GLU A 505 -19.92 -15.66 8.29
N GLU A 506 -18.76 -16.34 8.27
CA GLU A 506 -18.65 -17.68 8.84
C GLU A 506 -18.74 -17.64 10.37
N LEU A 507 -18.18 -16.60 10.98
CA LEU A 507 -18.08 -16.47 12.43
C LEU A 507 -19.28 -15.77 13.07
N THR A 508 -20.25 -15.29 12.30
CA THR A 508 -21.52 -14.84 12.84
C THR A 508 -22.68 -15.74 12.41
N GLY A 509 -22.49 -16.61 11.41
CA GLY A 509 -23.53 -17.55 10.97
C GLY A 509 -24.26 -17.15 9.69
N HIS A 510 -23.70 -16.26 8.84
CA HIS A 510 -24.37 -15.73 7.66
C HIS A 510 -23.92 -16.45 6.37
CO B12 B . 5.67 0.78 2.23
N21 B12 B . 6.38 -0.97 2.22
N22 B12 B . 7.08 1.30 3.47
N23 B12 B . 4.83 2.46 2.23
N24 B12 B . 4.53 0.12 0.94
C1 B12 B . 5.59 -2.03 1.51
C20 B12 B . 4.46 -2.66 2.34
C2 B12 B . 6.75 -3.08 1.16
C25 B12 B . 6.27 -4.48 0.74
C26 B12 B . 7.69 -2.57 0.02
C27 B12 B . 8.88 -3.53 -0.23
O28 B12 B . 8.73 -4.55 -0.97
N29 B12 B . 10.06 -3.12 0.40
C3 B12 B . 7.62 -2.95 2.46
C30 B12 B . 7.43 -3.91 3.68
C31 B12 B . 8.42 -5.05 3.65
C32 B12 B . 9.67 -4.92 4.54
O34 B12 B . 10.76 -4.31 4.33
N33 B12 B . 9.59 -5.63 5.61
C4 B12 B . 7.42 -1.49 2.87
C5 B12 B . 8.41 -0.70 3.65
C35 B12 B . 9.62 -1.41 4.20
C6 B12 B . 8.25 0.64 3.93
C7 B12 B . 9.13 1.62 4.80
C36 B12 B . 10.08 1.34 5.96
C37 B12 B . 9.99 2.41 3.77
C38 B12 B . 11.05 1.53 3.07
O39 B12 B . 10.64 0.83 2.09
N40 B12 B . 12.31 1.62 3.45
C8 B12 B . 7.98 2.50 5.38
C41 B12 B . 7.25 1.95 6.64
C42 B12 B . 7.04 2.96 7.79
C43 B12 B . 6.75 2.36 9.15
O44 B12 B . 5.51 2.02 9.36
N45 B12 B . 7.78 2.17 10.10
C9 B12 B . 7.02 2.42 4.18
C10 B12 B . 6.15 3.45 3.93
C11 B12 B . 5.20 3.54 2.97
C12 B12 B . 4.62 4.83 2.44
C46 B12 B . 5.58 5.41 1.33
C47 B12 B . 4.47 5.97 3.47
C13 B12 B . 3.28 4.29 1.86
C48 B12 B . 2.23 4.08 2.98
C49 B12 B . 0.84 3.77 2.39
C50 B12 B . -0.02 3.23 3.47
O51 B12 B . -0.36 4.11 4.33
N52 B12 B . -0.38 1.95 3.43
C14 B12 B . 3.75 2.90 1.50
C15 B12 B . 3.22 2.16 0.44
C53 B12 B . 2.50 2.93 -0.63
C16 B12 B . 3.61 0.77 0.25
C17 B12 B . 3.03 -0.25 -0.81
C54 B12 B . 3.78 0.13 -2.21
C55 B12 B . 1.51 -0.30 -1.01
C56 B12 B . 0.70 -0.26 0.23
C57 B12 B . -0.81 -0.18 -0.11
O58 B12 B . -1.53 0.91 0.06
N59 B12 B . -1.18 -1.40 -0.50
C18 B12 B . 3.55 -1.59 -0.26
C60 B12 B . 3.73 -2.70 -1.38
C61 B12 B . 2.98 -4.00 -1.14
O63 B12 B . 3.66 -4.90 -1.57
N62 B12 B . 1.75 -4.09 -0.52
C19 B12 B . 4.88 -1.17 0.38
C1P B12 B . -2.59 -1.38 -0.94
C2P B12 B . -3.52 -2.07 -0.01
C3P B12 B . -4.96 -1.85 -0.49
O3 B12 B . -3.17 -3.50 0.09
O4 B12 B . -2.37 -2.96 2.59
O5 B12 B . -1.50 -5.06 1.30
P B12 B . -2.59 -4.03 1.53
O2 B12 B . -3.93 -4.72 1.99
C3R B12 B . -4.61 -5.73 1.45
C2R B12 B . -4.48 -7.05 2.16
O7R B12 B . -3.26 -7.31 2.78
C1R B12 B . -5.62 -7.04 3.14
O6R B12 B . -6.63 -6.25 2.53
C4R B12 B . -6.10 -5.32 1.54
C5R B12 B . -6.96 -5.53 0.32
O8R B12 B . -6.77 -6.89 -0.24
N1B B12 B . -5.33 -6.53 4.53
C8B B12 B . -6.13 -6.85 5.66
C2B B12 B . -4.34 -5.77 5.05
N3B B12 B . -4.46 -5.58 6.37
C9B B12 B . -5.58 -6.29 6.75
C4B B12 B . -6.25 -6.49 7.95
C5B B12 B . -7.40 -7.25 8.04
C5M B12 B . -8.02 -7.42 9.44
C6B B12 B . -7.94 -7.88 6.90
C6M B12 B . -9.15 -8.71 6.87
C7B B12 B . -7.28 -7.64 5.73
S SO4 C . 5.64 -2.56 -6.23
O1 SO4 C . 6.35 -2.74 -7.50
O2 SO4 C . 6.24 -3.31 -5.12
O3 SO4 C . 5.66 -1.15 -5.92
O4 SO4 C . 4.28 -2.99 -6.39
C3' NHE D . -0.24 24.53 -9.21
C2' NHE D . 0.77 23.62 -9.94
C1' NHE D . 0.06 22.58 -10.82
C6' NHE D . -1.35 22.25 -10.34
N NHE D . 0.05 23.02 -12.25
C1 NHE D . -0.01 21.97 -13.28
C2 NHE D . -1.09 22.25 -14.29
S NHE D . -2.56 21.25 -14.12
O1 NHE D . -2.17 19.91 -14.49
O2 NHE D . -3.21 21.63 -12.89
O3 NHE D . -3.40 21.77 -15.30
C5' NHE D . -1.49 22.37 -8.81
C4' NHE D . -1.17 23.76 -8.28
CL CL E . 1.84 19.45 10.58
ZN ZN F . 24.03 11.12 17.84
S SO4 G . 9.27 -10.26 -10.31
O1 SO4 G . 8.70 -9.21 -9.53
O2 SO4 G . 9.26 -11.47 -9.50
O3 SO4 G . 8.44 -10.45 -11.48
O4 SO4 G . 10.61 -9.88 -10.72
C1 BUA H . 7.56 0.99 -0.31
C2 BUA H . 8.12 2.35 0.14
C3 BUA H . 9.10 2.89 -0.91
C4 BUA H . 9.57 4.25 -0.42
O1 BUA H . 10.75 4.41 0.19
O2 BUA H . 8.65 5.18 -0.62
#